data_1TOI
#
_entry.id   1TOI
#
_cell.length_a   83.789
_cell.length_b   154.845
_cell.length_c   77.915
_cell.angle_alpha   90.00
_cell.angle_beta   90.00
_cell.angle_gamma   90.00
#
_symmetry.space_group_name_H-M   'C 2 2 21'
#
loop_
_entity.id
_entity.type
_entity.pdbx_description
1 polymer 'Aspartate aminotransferase'
2 non-polymer 'HYDROCINNAMIC ACID'
3 water water
#
_entity_poly.entity_id   1
_entity_poly.type   'polypeptide(L)'
_entity_poly.pdbx_seq_one_letter_code
;MFENITAAPADPILGLADLFRADERPGKINLGIGLYYDETGKIPVLTSVKKAEQYLLENETTKLYLGIDGIPEFGRCTQE
LLFGKGSALINDKRARTAQTPGGSGALRVAADFLAKNTSVKRVWVSNPSWPNHKSVFNSAGLEVREYAYYDAENHTLDFD
ALINSLNEAQAGDVVLFHGCCHNPTGIDPTLEQWQTLAQLSVEKGWLPLFDFAYQGFARGLEEDAEGLRAFAAMHKELIV
ASSYS(LLP)NFGLYNERVGACTLVAADSETVDRAFSQMKAAIRDNYSSPPAHGASVVATILSNDALRAIWEQELTDMRQ
RIQRMRQLFVNTLQEKGANRDFSFIIKQNGMFSFSGLTKEQVLRLREEFGVYAVASGRVNVAGMTPDNMAPLCEAIVAVL
;
_entity_poly.pdbx_strand_id   A
#
loop_
_chem_comp.id
_chem_comp.type
_chem_comp.name
_chem_comp.formula
HCI non-polymer 'HYDROCINNAMIC ACID' 'C9 H10 O2'
#
# COMPACT_ATOMS: atom_id res chain seq x y z
N MET A 1 2.94 12.68 36.14
CA MET A 1 2.79 11.42 35.36
C MET A 1 3.61 11.44 34.07
N PHE A 2 3.72 12.62 33.47
CA PHE A 2 4.34 12.75 32.14
C PHE A 2 5.78 13.28 32.18
N GLU A 3 6.29 13.56 33.38
CA GLU A 3 7.61 14.23 33.55
C GLU A 3 8.77 13.50 32.87
N ASN A 4 8.72 12.18 32.88
CA ASN A 4 9.89 11.40 32.47
C ASN A 4 9.74 10.75 31.09
N ILE A 5 8.67 11.09 30.39
CA ILE A 5 8.43 10.54 29.07
C ILE A 5 9.53 10.99 28.10
N THR A 6 10.11 10.04 27.38
CA THR A 6 11.11 10.35 26.35
C THR A 6 10.43 10.67 25.01
N ALA A 7 10.97 11.62 24.26
CA ALA A 7 10.45 11.96 22.93
C ALA A 7 10.51 10.77 21.98
N ALA A 8 9.50 10.65 21.12
CA ALA A 8 9.44 9.56 20.17
C ALA A 8 10.39 9.84 18.99
N PRO A 9 11.07 8.81 18.48
CA PRO A 9 11.96 8.99 17.33
C PRO A 9 11.14 9.40 16.12
N ALA A 10 11.73 10.22 15.24
CA ALA A 10 11.06 10.64 14.02
C ALA A 10 10.83 9.43 13.11
N ASP A 11 9.64 9.36 12.51
CA ASP A 11 9.34 8.35 11.53
C ASP A 11 10.09 8.60 10.21
N PRO A 12 10.74 7.58 9.66
CA PRO A 12 11.56 7.76 8.45
C PRO A 12 10.76 8.34 7.27
N ILE A 13 9.47 8.04 7.20
CA ILE A 13 8.64 8.53 6.10
C ILE A 13 7.80 9.73 6.51
N LEU A 14 7.06 9.58 7.60
CA LEU A 14 6.10 10.59 8.01
C LEU A 14 6.75 11.87 8.50
N GLY A 15 7.97 11.75 9.01
CA GLY A 15 8.72 12.89 9.53
C GLY A 15 9.14 13.85 8.44
N LEU A 16 9.12 13.37 7.20
CA LEU A 16 9.46 14.20 6.03
C LEU A 16 8.52 15.39 5.86
N ALA A 17 7.23 15.19 6.13
CA ALA A 17 6.25 16.26 5.97
C ALA A 17 6.58 17.52 6.81
N ASP A 18 6.98 17.31 8.06
CA ASP A 18 7.34 18.40 8.96
C ASP A 18 8.56 19.15 8.45
N LEU A 19 9.60 18.39 8.13
CA LEU A 19 10.86 18.93 7.63
C LEU A 19 10.62 19.78 6.38
N PHE A 20 9.83 19.26 5.45
CA PHE A 20 9.52 19.96 4.20
C PHE A 20 8.77 21.27 4.48
N ARG A 21 7.86 21.24 5.45
CA ARG A 21 7.09 22.42 5.82
C ARG A 21 7.96 23.48 6.47
N ALA A 22 8.99 23.06 7.19
CA ALA A 22 9.88 23.97 7.91
C ALA A 22 10.94 24.56 6.98
N ASP A 23 11.08 23.96 5.80
CA ASP A 23 12.06 24.41 4.80
C ASP A 23 11.48 25.57 4.00
N GLU A 24 11.94 26.77 4.30
CA GLU A 24 11.38 27.98 3.71
C GLU A 24 11.93 28.29 2.32
N ARG A 25 12.90 27.49 1.87
CA ARG A 25 13.46 27.67 0.53
C ARG A 25 12.44 27.37 -0.57
N PRO A 26 12.43 28.20 -1.60
CA PRO A 26 11.53 27.99 -2.73
C PRO A 26 12.14 27.01 -3.71
N GLY A 27 11.30 26.39 -4.53
CA GLY A 27 11.79 25.40 -5.50
C GLY A 27 12.30 24.10 -4.88
N LYS A 28 11.91 23.82 -3.64
CA LYS A 28 12.18 22.50 -3.11
C LYS A 28 11.29 21.47 -3.79
N ILE A 29 11.74 20.22 -3.82
CA ILE A 29 11.07 19.17 -4.58
C ILE A 29 10.75 18.01 -3.66
N ASN A 30 9.46 17.70 -3.54
CA ASN A 30 9.01 16.70 -2.59
C ASN A 30 8.87 15.35 -3.27
N LEU A 31 9.82 14.46 -3.00
CA LEU A 31 9.76 13.11 -3.57
C LEU A 31 9.71 12.09 -2.44
N GLY A 32 9.10 12.50 -1.32
CA GLY A 32 9.15 11.69 -0.10
C GLY A 32 7.96 10.77 0.03
N ILE A 33 6.98 11.20 0.83
CA ILE A 33 5.73 10.45 1.03
C ILE A 33 5.03 10.16 -0.30
N GLY A 34 4.50 8.94 -0.44
CA GLY A 34 3.97 8.48 -1.73
C GLY A 34 2.57 8.99 -2.05
N LEU A 35 2.51 10.22 -2.58
CA LEU A 35 1.25 10.77 -3.09
C LEU A 35 1.39 10.97 -4.59
N TYR A 36 0.27 10.89 -5.30
CA TYR A 36 0.27 11.15 -6.73
C TYR A 36 0.15 12.65 -6.99
N TYR A 37 1.14 13.19 -7.69
CA TYR A 37 1.11 14.58 -8.17
C TYR A 37 0.79 14.59 -9.68
N ASP A 38 0.08 15.61 -10.15
CA ASP A 38 -0.11 15.76 -11.58
C ASP A 38 1.01 16.63 -12.16
N GLU A 39 0.94 16.88 -13.47
CA GLU A 39 1.96 17.62 -14.19
C GLU A 39 2.22 19.02 -13.63
N THR A 40 1.24 19.58 -12.91
CA THR A 40 1.41 20.91 -12.30
C THR A 40 2.12 20.85 -10.96
N GLY A 41 2.47 19.63 -10.53
CA GLY A 41 3.15 19.44 -9.25
C GLY A 41 2.23 19.56 -8.04
N LYS A 42 0.93 19.40 -8.26
CA LYS A 42 -0.03 19.40 -7.16
C LYS A 42 -0.67 18.02 -7.00
N ILE A 43 -1.32 17.79 -5.87
CA ILE A 43 -1.98 16.51 -5.58
C ILE A 43 -3.48 16.77 -5.71
N PRO A 44 -4.05 16.52 -6.89
CA PRO A 44 -5.45 16.90 -7.15
C PRO A 44 -6.46 15.97 -6.51
N VAL A 45 -7.69 16.45 -6.40
CA VAL A 45 -8.82 15.58 -6.09
C VAL A 45 -9.32 15.04 -7.44
N LEU A 46 -9.54 13.74 -7.53
CA LEU A 46 -10.04 13.15 -8.76
C LEU A 46 -11.42 13.71 -9.15
N THR A 47 -11.65 13.85 -10.45
CA THR A 47 -12.94 14.33 -10.94
C THR A 47 -14.09 13.40 -10.53
N SER A 48 -13.89 12.10 -10.66
CA SER A 48 -14.92 11.14 -10.26
C SER A 48 -15.25 11.31 -8.78
N VAL A 49 -14.22 11.60 -7.99
CA VAL A 49 -14.42 11.87 -6.55
C VAL A 49 -15.26 13.13 -6.31
N LYS A 50 -14.91 14.23 -6.97
CA LYS A 50 -15.72 15.46 -6.83
C LYS A 50 -17.17 15.24 -7.23
N LYS A 51 -17.38 14.46 -8.29
CA LYS A 51 -18.74 14.15 -8.76
C LYS A 51 -19.51 13.36 -7.70
N ALA A 52 -18.84 12.37 -7.11
CA ALA A 52 -19.44 11.56 -6.06
C ALA A 52 -19.76 12.41 -4.81
N GLU A 53 -18.84 13.31 -4.47
CA GLU A 53 -19.04 14.21 -3.32
C GLU A 53 -20.23 15.15 -3.53
N GLN A 54 -20.41 15.61 -4.77
CA GLN A 54 -21.58 16.45 -5.09
C GLN A 54 -22.87 15.63 -4.92
N TYR A 55 -22.85 14.39 -5.39
CA TYR A 55 -24.02 13.51 -5.24
C TYR A 55 -24.35 13.30 -3.75
N LEU A 56 -23.32 13.08 -2.94
CA LEU A 56 -23.53 12.86 -1.50
C LEU A 56 -24.10 14.11 -0.84
N LEU A 57 -23.60 15.28 -1.22
CA LEU A 57 -24.08 16.54 -0.66
C LEU A 57 -25.57 16.72 -0.96
N GLU A 58 -25.96 16.36 -2.18
CA GLU A 58 -27.32 16.53 -2.64
C GLU A 58 -28.27 15.48 -2.07
N ASN A 59 -27.75 14.30 -1.73
CA ASN A 59 -28.61 13.15 -1.45
C ASN A 59 -28.56 12.56 -0.03
N GLU A 60 -27.46 12.74 0.68
CA GLU A 60 -27.39 12.27 2.07
C GLU A 60 -28.43 12.99 2.90
N THR A 61 -29.16 12.23 3.73
CA THR A 61 -30.13 12.80 4.66
C THR A 61 -29.82 12.53 6.14
N THR A 62 -28.72 11.81 6.40
CA THR A 62 -28.33 11.47 7.78
C THR A 62 -26.82 11.21 7.89
N LYS A 63 -26.28 11.37 9.10
CA LYS A 63 -24.93 10.95 9.42
C LYS A 63 -24.97 9.87 10.51
N LEU A 64 -26.13 9.23 10.64
CA LEU A 64 -26.35 8.08 11.55
C LEU A 64 -25.16 7.12 11.48
N TYR A 65 -24.65 6.65 12.64
CA TYR A 65 -23.48 5.74 12.69
C TYR A 65 -23.58 4.59 11.69
N LEU A 66 -22.48 4.32 10.99
CA LEU A 66 -22.37 3.08 10.23
C LEU A 66 -22.28 1.91 11.18
N GLY A 67 -22.59 0.73 10.67
CA GLY A 67 -22.27 -0.51 11.36
C GLY A 67 -20.78 -0.56 11.65
N ILE A 68 -20.36 -1.42 12.57
CA ILE A 68 -18.94 -1.53 12.93
C ILE A 68 -18.07 -1.85 11.71
N ASP A 69 -18.62 -2.65 10.80
CA ASP A 69 -17.93 -3.03 9.58
C ASP A 69 -18.19 -2.11 8.38
N GLY A 70 -18.93 -1.02 8.60
CA GLY A 70 -19.05 0.04 7.58
C GLY A 70 -20.20 -0.17 6.60
N ILE A 71 -20.10 0.48 5.44
CA ILE A 71 -21.16 0.47 4.44
C ILE A 71 -21.22 -0.89 3.73
N PRO A 72 -22.36 -1.58 3.74
CA PRO A 72 -22.44 -2.92 3.11
C PRO A 72 -22.01 -2.93 1.64
N GLU A 73 -22.46 -1.95 0.87
CA GLU A 73 -22.09 -1.83 -0.56
C GLU A 73 -20.56 -1.67 -0.75
N PHE A 74 -19.94 -0.91 0.15
CA PHE A 74 -18.49 -0.75 0.15
C PHE A 74 -17.77 -2.11 0.28
N GLY A 75 -18.26 -2.95 1.18
CA GLY A 75 -17.69 -4.30 1.37
C GLY A 75 -17.86 -5.15 0.13
N ARG A 76 -19.05 -5.10 -0.47
CA ARG A 76 -19.33 -5.90 -1.68
C ARG A 76 -18.44 -5.49 -2.85
N CYS A 77 -18.36 -4.19 -3.10
CA CYS A 77 -17.50 -3.66 -4.13
C CYS A 77 -16.03 -4.00 -3.86
N THR A 78 -15.63 -3.93 -2.60
CA THR A 78 -14.27 -4.32 -2.22
C THR A 78 -13.96 -5.77 -2.56
N GLN A 79 -14.82 -6.70 -2.12
CA GLN A 79 -14.61 -8.13 -2.41
C GLN A 79 -14.57 -8.44 -3.92
N GLU A 80 -15.39 -7.75 -4.70
CA GLU A 80 -15.33 -7.89 -6.16
C GLU A 80 -13.97 -7.44 -6.73
N LEU A 81 -13.45 -6.33 -6.23
CA LEU A 81 -12.17 -5.81 -6.70
C LEU A 81 -11.06 -6.78 -6.32
N LEU A 82 -11.12 -7.29 -5.09
CA LEU A 82 -10.08 -8.18 -4.58
C LEU A 82 -10.10 -9.55 -5.27
N PHE A 83 -11.29 -10.15 -5.37
CA PHE A 83 -11.41 -11.59 -5.70
C PHE A 83 -11.99 -11.86 -7.08
N GLY A 84 -12.62 -10.84 -7.67
CA GLY A 84 -13.24 -10.95 -8.99
C GLY A 84 -14.72 -11.25 -8.84
N LYS A 85 -15.52 -10.58 -9.67
CA LYS A 85 -16.96 -10.85 -9.75
C LYS A 85 -17.17 -12.34 -10.02
N GLY A 86 -18.03 -12.97 -9.22
CA GLY A 86 -18.32 -14.40 -9.39
C GLY A 86 -17.28 -15.35 -8.81
N SER A 87 -16.36 -14.81 -8.01
CA SER A 87 -15.37 -15.60 -7.29
C SER A 87 -16.08 -16.59 -6.39
N ALA A 88 -15.51 -17.78 -6.25
CA ALA A 88 -16.02 -18.78 -5.31
C ALA A 88 -16.00 -18.29 -3.86
N LEU A 89 -15.03 -17.44 -3.51
CA LEU A 89 -14.97 -16.86 -2.17
C LEU A 89 -16.22 -16.04 -1.85
N ILE A 90 -16.71 -15.33 -2.86
CA ILE A 90 -17.93 -14.53 -2.72
C ILE A 90 -19.16 -15.44 -2.79
N ASN A 91 -19.24 -16.29 -3.81
CA ASN A 91 -20.36 -17.23 -3.91
C ASN A 91 -20.53 -18.06 -2.64
N ASP A 92 -19.42 -18.49 -2.05
CA ASP A 92 -19.47 -19.37 -0.87
C ASP A 92 -19.56 -18.59 0.45
N LYS A 93 -19.57 -17.26 0.37
CA LYS A 93 -19.73 -16.40 1.56
C LYS A 93 -18.61 -16.68 2.56
N ARG A 94 -17.40 -16.87 2.04
CA ARG A 94 -16.23 -17.19 2.85
C ARG A 94 -15.46 -15.96 3.33
N ALA A 95 -15.85 -14.77 2.84
CA ALA A 95 -15.15 -13.52 3.15
C ALA A 95 -16.05 -12.50 3.83
N ARG A 96 -15.49 -11.83 4.82
CA ARG A 96 -16.16 -10.70 5.47
C ARG A 96 -15.21 -9.51 5.45
N THR A 97 -15.76 -8.34 5.14
CA THR A 97 -14.99 -7.11 4.99
C THR A 97 -15.47 -6.10 6.02
N ALA A 98 -14.52 -5.55 6.76
CA ALA A 98 -14.74 -4.34 7.56
C ALA A 98 -14.11 -3.14 6.85
N GLN A 99 -14.91 -2.14 6.59
CA GLN A 99 -14.41 -0.84 6.15
C GLN A 99 -13.60 -0.29 7.32
N THR A 100 -12.40 0.23 7.05
CA THR A 100 -11.50 0.73 8.09
C THR A 100 -10.98 2.12 7.74
N PRO A 101 -10.42 2.84 8.72
CA PRO A 101 -9.74 4.12 8.42
C PRO A 101 -8.36 3.86 7.78
N GLY A 102 -8.38 3.71 6.46
CA GLY A 102 -7.20 3.42 5.67
C GLY A 102 -6.82 1.95 5.71
N GLY A 103 -5.93 1.57 4.81
CA GLY A 103 -5.19 0.31 4.93
C GLY A 103 -4.40 0.26 6.24
N SER A 104 -3.99 1.43 6.74
CA SER A 104 -3.26 1.47 8.01
C SER A 104 -4.17 0.98 9.11
N GLY A 105 -5.40 1.51 9.15
CA GLY A 105 -6.38 1.03 10.12
C GLY A 105 -6.63 -0.46 9.97
N ALA A 106 -6.75 -0.94 8.73
CA ALA A 106 -6.94 -2.37 8.49
C ALA A 106 -5.78 -3.20 9.03
N LEU A 107 -4.54 -2.71 8.89
CA LEU A 107 -3.39 -3.46 9.42
C LEU A 107 -3.46 -3.55 10.92
N ARG A 108 -3.86 -2.46 11.58
CA ARG A 108 -3.97 -2.49 13.04
C ARG A 108 -5.08 -3.44 13.50
N VAL A 109 -6.23 -3.34 12.84
CA VAL A 109 -7.36 -4.23 13.13
C VAL A 109 -6.95 -5.70 12.95
N ALA A 110 -6.32 -6.01 11.84
CA ALA A 110 -5.82 -7.39 11.63
C ALA A 110 -4.87 -7.83 12.77
N ALA A 111 -3.92 -6.96 13.11
CA ALA A 111 -2.96 -7.28 14.17
C ALA A 111 -3.64 -7.49 15.52
N ASP A 112 -4.56 -6.58 15.88
CA ASP A 112 -5.31 -6.73 17.15
C ASP A 112 -6.14 -8.00 17.16
N PHE A 113 -6.81 -8.28 16.03
CA PHE A 113 -7.64 -9.48 15.89
C PHE A 113 -6.80 -10.74 16.08
N LEU A 114 -5.67 -10.79 15.38
CA LEU A 114 -4.75 -11.94 15.47
C LEU A 114 -4.16 -12.15 16.86
N ALA A 115 -3.70 -11.06 17.48
CA ALA A 115 -3.08 -11.10 18.80
C ALA A 115 -4.04 -11.63 19.86
N LYS A 116 -5.30 -11.19 19.78
CA LYS A 116 -6.29 -11.51 20.81
C LYS A 116 -7.00 -12.85 20.61
N ASN A 117 -7.08 -13.31 19.36
CA ASN A 117 -7.94 -14.44 19.03
C ASN A 117 -7.30 -15.69 18.46
N THR A 118 -5.99 -15.65 18.21
CA THR A 118 -5.28 -16.80 17.62
C THR A 118 -3.96 -16.99 18.34
N SER A 119 -3.23 -18.03 17.94
CA SER A 119 -1.94 -18.30 18.51
C SER A 119 -0.79 -17.56 17.81
N VAL A 120 -1.10 -16.65 16.90
CA VAL A 120 -0.06 -15.90 16.17
C VAL A 120 0.85 -15.12 17.14
N LYS A 121 2.16 -15.31 17.01
CA LYS A 121 3.14 -14.51 17.76
C LYS A 121 4.12 -13.75 16.86
N ARG A 122 4.18 -14.13 15.59
CA ARG A 122 5.21 -13.66 14.66
C ARG A 122 4.62 -13.35 13.29
N VAL A 123 5.02 -12.20 12.74
CA VAL A 123 4.71 -11.79 11.37
C VAL A 123 6.01 -11.63 10.57
N TRP A 124 6.08 -12.25 9.39
CA TRP A 124 7.20 -12.09 8.48
C TRP A 124 6.94 -10.98 7.42
N VAL A 125 7.92 -10.08 7.30
CA VAL A 125 7.91 -9.01 6.32
C VAL A 125 9.19 -9.04 5.49
N SER A 126 9.09 -8.50 4.29
CA SER A 126 10.23 -8.49 3.37
C SER A 126 11.34 -7.56 3.86
N ASN A 127 12.57 -7.87 3.46
CA ASN A 127 13.67 -6.90 3.53
C ASN A 127 14.02 -6.50 2.10
N PRO A 128 13.91 -5.21 1.77
CA PRO A 128 13.56 -4.16 2.72
C PRO A 128 12.05 -4.08 2.94
N SER A 129 11.65 -3.41 4.01
CA SER A 129 10.26 -3.40 4.43
C SER A 129 9.72 -1.98 4.45
N TRP A 130 8.40 -1.88 4.49
CA TRP A 130 7.71 -0.62 4.76
C TRP A 130 7.68 -0.48 6.27
N PRO A 131 8.23 0.61 6.80
CA PRO A 131 8.48 0.75 8.26
C PRO A 131 7.25 0.59 9.15
N ASN A 132 6.09 1.01 8.65
CA ASN A 132 4.88 0.93 9.46
C ASN A 132 4.45 -0.49 9.81
N HIS A 133 4.83 -1.48 8.99
CA HIS A 133 4.51 -2.87 9.33
C HIS A 133 5.12 -3.26 10.68
N LYS A 134 6.42 -3.08 10.82
CA LYS A 134 7.04 -3.40 12.09
C LYS A 134 6.39 -2.62 13.24
N SER A 135 6.19 -1.31 13.06
CA SER A 135 5.61 -0.49 14.11
C SER A 135 4.24 -0.99 14.55
N VAL A 136 3.35 -1.20 13.59
CA VAL A 136 2.00 -1.61 13.90
C VAL A 136 1.96 -3.00 14.54
N PHE A 137 2.66 -3.97 13.95
CA PHE A 137 2.61 -5.32 14.50
C PHE A 137 3.26 -5.40 15.89
N ASN A 138 4.40 -4.73 16.06
CA ASN A 138 5.04 -4.64 17.39
C ASN A 138 4.08 -4.01 18.41
N SER A 139 3.38 -2.94 18.03
CA SER A 139 2.40 -2.27 18.91
C SER A 139 1.35 -3.23 19.47
N ALA A 140 0.95 -4.20 18.66
CA ALA A 140 -0.04 -5.20 19.03
C ALA A 140 0.57 -6.38 19.80
N GLY A 141 1.88 -6.32 20.04
CA GLY A 141 2.58 -7.35 20.80
C GLY A 141 3.09 -8.50 19.97
N LEU A 142 3.15 -8.31 18.65
CA LEU A 142 3.60 -9.34 17.72
C LEU A 142 5.07 -9.15 17.32
N GLU A 143 5.84 -10.23 17.31
CA GLU A 143 7.22 -10.17 16.83
C GLU A 143 7.22 -9.97 15.30
N VAL A 144 8.20 -9.25 14.79
CA VAL A 144 8.36 -9.09 13.35
C VAL A 144 9.72 -9.58 12.93
N ARG A 145 9.76 -10.47 11.94
CA ARG A 145 11.02 -10.99 11.40
C ARG A 145 11.07 -10.74 9.91
N GLU A 146 12.27 -10.63 9.37
CA GLU A 146 12.43 -10.28 7.96
C GLU A 146 12.79 -11.48 7.10
N TYR A 147 12.17 -11.56 5.92
CA TYR A 147 12.61 -12.53 4.92
C TYR A 147 13.31 -11.82 3.75
N ALA A 148 14.30 -12.49 3.16
CA ALA A 148 15.05 -11.95 2.03
C ALA A 148 14.11 -11.76 0.85
N TYR A 149 14.32 -10.72 0.06
CA TYR A 149 13.37 -10.42 -1.01
C TYR A 149 14.08 -9.84 -2.23
N TYR A 150 14.87 -8.80 -2.00
CA TYR A 150 15.40 -8.00 -3.10
C TYR A 150 16.89 -8.28 -3.29
N ASP A 151 17.28 -8.58 -4.51
CA ASP A 151 18.68 -8.69 -4.86
C ASP A 151 19.11 -7.33 -5.42
N ALA A 152 19.86 -6.58 -4.62
CA ALA A 152 20.24 -5.21 -4.98
C ALA A 152 21.32 -5.12 -6.06
N GLU A 153 22.05 -6.23 -6.28
CA GLU A 153 23.04 -6.26 -7.34
C GLU A 153 22.41 -6.44 -8.73
N ASN A 154 21.39 -7.29 -8.80
CA ASN A 154 20.68 -7.55 -10.05
C ASN A 154 19.41 -6.70 -10.20
N HIS A 155 18.99 -6.06 -9.11
CA HIS A 155 17.72 -5.33 -9.04
C HIS A 155 16.54 -6.22 -9.39
N THR A 156 16.49 -7.37 -8.72
CA THR A 156 15.52 -8.40 -9.02
C THR A 156 14.99 -9.02 -7.72
N LEU A 157 13.86 -9.71 -7.81
CA LEU A 157 13.39 -10.55 -6.73
C LEU A 157 14.30 -11.77 -6.64
N ASP A 158 14.98 -11.88 -5.50
CA ASP A 158 15.86 -13.01 -5.22
C ASP A 158 14.99 -14.13 -4.70
N PHE A 159 14.38 -14.86 -5.62
CA PHE A 159 13.35 -15.83 -5.28
C PHE A 159 13.93 -16.96 -4.44
N ASP A 160 15.14 -17.41 -4.81
CA ASP A 160 15.87 -18.42 -4.03
C ASP A 160 16.05 -18.05 -2.57
N ALA A 161 16.60 -16.85 -2.33
CA ALA A 161 16.82 -16.35 -0.99
C ALA A 161 15.51 -16.18 -0.24
N LEU A 162 14.48 -15.70 -0.96
CA LEU A 162 13.15 -15.52 -0.39
C LEU A 162 12.68 -16.84 0.20
N ILE A 163 12.61 -17.85 -0.66
CA ILE A 163 12.13 -19.17 -0.26
C ILE A 163 12.98 -19.77 0.86
N ASN A 164 14.30 -19.64 0.76
CA ASN A 164 15.19 -20.17 1.77
C ASN A 164 15.07 -19.49 3.14
N SER A 165 14.86 -18.17 3.15
CA SER A 165 14.74 -17.47 4.41
C SER A 165 13.41 -17.79 5.10
N LEU A 166 12.39 -18.06 4.30
CA LEU A 166 11.06 -18.37 4.83
C LEU A 166 10.96 -19.81 5.37
N ASN A 167 12.02 -20.58 5.21
CA ASN A 167 12.12 -21.90 5.86
C ASN A 167 12.12 -21.78 7.37
N GLU A 168 12.54 -20.61 7.87
CA GLU A 168 12.60 -20.36 9.29
C GLU A 168 11.22 -20.04 9.87
N ALA A 169 10.25 -19.78 8.98
CA ALA A 169 8.89 -19.48 9.41
C ALA A 169 8.17 -20.77 9.81
N GLN A 170 7.61 -20.77 11.02
CA GLN A 170 6.87 -21.94 11.53
C GLN A 170 5.42 -21.93 11.04
N ALA A 171 4.80 -23.10 11.00
CA ALA A 171 3.35 -23.16 10.83
C ALA A 171 2.64 -22.29 11.88
N GLY A 172 1.71 -21.46 11.43
CA GLY A 172 1.01 -20.57 12.35
C GLY A 172 1.61 -19.18 12.43
N ASP A 173 2.78 -19.00 11.82
CA ASP A 173 3.29 -17.65 11.58
C ASP A 173 2.50 -16.96 10.47
N VAL A 174 2.45 -15.63 10.54
CA VAL A 174 1.84 -14.84 9.46
C VAL A 174 2.95 -14.47 8.50
N VAL A 175 2.64 -14.47 7.21
CA VAL A 175 3.61 -13.97 6.22
C VAL A 175 2.92 -12.88 5.42
N LEU A 176 3.52 -11.69 5.43
CA LEU A 176 2.94 -10.53 4.78
C LEU A 176 3.50 -10.37 3.37
N PHE A 177 2.61 -10.29 2.39
CA PHE A 177 2.99 -9.99 1.01
C PHE A 177 2.34 -8.68 0.57
N HIS A 178 3.01 -7.96 -0.32
CA HIS A 178 2.40 -6.79 -0.95
C HIS A 178 1.68 -7.29 -2.21
N GLY A 179 0.39 -6.95 -2.38
CA GLY A 179 -0.37 -7.49 -3.53
C GLY A 179 0.22 -7.12 -4.88
N CYS A 180 0.69 -5.86 -4.98
CA CYS A 180 1.42 -5.37 -6.15
C CYS A 180 2.15 -4.10 -5.75
N CYS A 181 3.07 -3.65 -6.61
CA CYS A 181 3.86 -2.44 -6.35
C CYS A 181 4.52 -2.49 -4.97
N HIS A 182 5.30 -3.55 -4.74
CA HIS A 182 6.04 -3.72 -3.49
C HIS A 182 6.66 -2.39 -3.07
N ASN A 183 6.42 -2.01 -1.82
CA ASN A 183 6.92 -0.74 -1.29
C ASN A 183 8.02 -1.13 -0.32
N PRO A 184 9.29 -0.82 -0.60
CA PRO A 184 9.71 0.21 -1.56
C PRO A 184 10.31 -0.21 -2.91
N THR A 185 10.48 -1.51 -3.17
CA THR A 185 11.35 -1.93 -4.29
C THR A 185 10.72 -1.78 -5.67
N GLY A 186 9.40 -1.76 -5.71
CA GLY A 186 8.65 -1.85 -6.95
C GLY A 186 8.78 -3.19 -7.68
N ILE A 187 9.35 -4.19 -7.00
CA ILE A 187 9.53 -5.52 -7.60
C ILE A 187 8.49 -6.50 -7.05
N ASP A 188 7.69 -7.08 -7.95
CA ASP A 188 6.63 -8.03 -7.56
C ASP A 188 6.94 -9.42 -8.09
N PRO A 189 6.41 -10.46 -7.45
CA PRO A 189 6.48 -11.81 -8.02
C PRO A 189 5.78 -11.83 -9.38
N THR A 190 6.30 -12.63 -10.30
CA THR A 190 5.53 -13.00 -11.50
C THR A 190 4.33 -13.85 -11.07
N LEU A 191 3.39 -14.10 -11.99
CA LEU A 191 2.26 -14.98 -11.68
C LEU A 191 2.73 -16.37 -11.26
N GLU A 192 3.71 -16.91 -11.98
CA GLU A 192 4.25 -18.24 -11.65
C GLU A 192 4.82 -18.24 -10.23
N GLN A 193 5.55 -17.17 -9.90
CA GLN A 193 6.16 -17.05 -8.58
C GLN A 193 5.08 -16.92 -7.50
N TRP A 194 4.05 -16.13 -7.75
CA TRP A 194 2.90 -16.09 -6.84
C TRP A 194 2.31 -17.48 -6.61
N GLN A 195 2.13 -18.20 -7.70
CA GLN A 195 1.55 -19.54 -7.63
C GLN A 195 2.44 -20.50 -6.83
N THR A 196 3.75 -20.39 -7.04
CA THR A 196 4.73 -21.17 -6.28
C THR A 196 4.66 -20.85 -4.78
N LEU A 197 4.63 -19.56 -4.47
CA LEU A 197 4.49 -19.08 -3.09
C LEU A 197 3.19 -19.52 -2.44
N ALA A 198 2.10 -19.48 -3.20
CA ALA A 198 0.80 -19.92 -2.70
C ALA A 198 0.83 -21.39 -2.28
N GLN A 199 1.42 -22.24 -3.12
CA GLN A 199 1.61 -23.67 -2.82
C GLN A 199 2.48 -23.88 -1.59
N LEU A 200 3.62 -23.20 -1.55
CA LEU A 200 4.55 -23.26 -0.42
C LEU A 200 3.87 -22.84 0.88
N SER A 201 3.16 -21.73 0.84
CA SER A 201 2.41 -21.23 1.99
C SER A 201 1.44 -22.27 2.57
N VAL A 202 0.66 -22.93 1.70
CA VAL A 202 -0.26 -23.98 2.12
C VAL A 202 0.52 -25.13 2.79
N GLU A 203 1.61 -25.56 2.16
CA GLU A 203 2.41 -26.67 2.68
C GLU A 203 3.00 -26.38 4.05
N LYS A 204 3.38 -25.13 4.27
CA LYS A 204 4.15 -24.72 5.44
C LYS A 204 3.26 -24.23 6.59
N GLY A 205 1.98 -23.98 6.29
CA GLY A 205 1.02 -23.56 7.31
C GLY A 205 1.11 -22.10 7.70
N TRP A 206 1.49 -21.24 6.77
CA TRP A 206 1.57 -19.82 7.07
C TRP A 206 0.20 -19.22 6.89
N LEU A 207 -0.13 -18.22 7.71
CA LEU A 207 -1.31 -17.37 7.43
C LEU A 207 -0.91 -16.19 6.53
N PRO A 208 -1.39 -16.12 5.29
CA PRO A 208 -1.03 -15.00 4.41
C PRO A 208 -1.76 -13.72 4.81
N LEU A 209 -1.02 -12.63 4.92
CA LEU A 209 -1.64 -11.32 5.12
C LEU A 209 -1.21 -10.46 3.95
N PHE A 210 -2.15 -10.06 3.10
CA PHE A 210 -1.83 -9.18 1.97
C PHE A 210 -2.04 -7.72 2.30
N ASP A 211 -1.01 -6.92 2.07
CA ASP A 211 -1.14 -5.48 2.10
C ASP A 211 -1.31 -5.03 0.64
N PHE A 212 -2.48 -4.48 0.31
CA PHE A 212 -2.87 -4.26 -1.09
C PHE A 212 -3.32 -2.81 -1.23
N ALA A 213 -2.34 -1.91 -1.27
CA ALA A 213 -2.61 -0.47 -1.29
C ALA A 213 -2.50 0.12 -2.70
N TYR A 214 -2.04 -0.67 -3.66
CA TYR A 214 -1.74 -0.11 -4.98
C TYR A 214 -2.47 -0.78 -6.14
N GLN A 215 -3.66 -1.34 -5.89
CA GLN A 215 -4.36 -2.06 -6.95
C GLN A 215 -4.63 -1.09 -8.11
N GLY A 216 -4.11 -1.43 -9.29
CA GLY A 216 -4.27 -0.58 -10.48
C GLY A 216 -3.02 0.17 -10.89
N PHE A 217 -2.01 0.21 -10.01
CA PHE A 217 -0.79 0.96 -10.30
C PHE A 217 0.35 0.17 -10.94
N ALA A 218 0.27 -1.15 -10.93
CA ALA A 218 1.27 -1.96 -11.60
C ALA A 218 0.92 -2.15 -13.07
N ARG A 219 -0.13 -2.93 -13.35
CA ARG A 219 -0.56 -3.14 -14.75
C ARG A 219 -2.02 -2.73 -14.95
N GLY A 220 -2.86 -2.99 -13.95
CA GLY A 220 -4.30 -2.68 -14.07
C GLY A 220 -5.05 -3.36 -12.94
N LEU A 221 -6.34 -3.01 -12.76
CA LEU A 221 -7.11 -3.49 -11.61
C LEU A 221 -7.10 -5.01 -11.50
N GLU A 222 -7.51 -5.68 -12.57
CA GLU A 222 -7.66 -7.13 -12.51
C GLU A 222 -6.31 -7.85 -12.49
N GLU A 223 -5.38 -7.40 -13.31
CA GLU A 223 -4.05 -8.01 -13.34
C GLU A 223 -3.33 -7.88 -12.01
N ASP A 224 -3.51 -6.75 -11.32
CA ASP A 224 -2.77 -6.52 -10.11
C ASP A 224 -3.22 -7.44 -9.00
N ALA A 225 -4.42 -7.99 -9.15
CA ALA A 225 -4.99 -8.86 -8.13
C ALA A 225 -4.72 -10.34 -8.37
N GLU A 226 -4.00 -10.67 -9.45
CA GLU A 226 -3.68 -12.08 -9.79
C GLU A 226 -2.99 -12.86 -8.67
N GLY A 227 -1.99 -12.23 -8.05
CA GLY A 227 -1.25 -12.86 -6.96
C GLY A 227 -2.15 -13.18 -5.79
N LEU A 228 -2.88 -12.19 -5.31
CA LEU A 228 -3.87 -12.40 -4.26
C LEU A 228 -4.86 -13.50 -4.63
N ARG A 229 -5.33 -13.48 -5.87
CA ARG A 229 -6.30 -14.50 -6.29
C ARG A 229 -5.68 -15.88 -6.37
N ALA A 230 -4.40 -15.96 -6.75
CA ALA A 230 -3.67 -17.24 -6.73
C ALA A 230 -3.66 -17.80 -5.30
N PHE A 231 -3.38 -16.92 -4.34
CA PHE A 231 -3.41 -17.31 -2.94
C PHE A 231 -4.81 -17.70 -2.48
N ALA A 232 -5.81 -16.91 -2.83
CA ALA A 232 -7.20 -17.19 -2.44
C ALA A 232 -7.69 -18.54 -2.95
N ALA A 233 -7.17 -18.98 -4.10
CA ALA A 233 -7.62 -20.23 -4.71
C ALA A 233 -7.09 -21.43 -3.91
N MET A 234 -5.97 -21.21 -3.21
CA MET A 234 -5.21 -22.28 -2.56
C MET A 234 -5.44 -22.38 -1.05
N HIS A 235 -5.89 -21.28 -0.44
CA HIS A 235 -5.96 -21.19 1.03
C HIS A 235 -7.37 -21.24 1.58
N LYS A 236 -7.52 -21.87 2.75
CA LYS A 236 -8.75 -21.80 3.52
C LYS A 236 -8.89 -20.42 4.18
N GLU A 237 -7.76 -19.87 4.63
CA GLU A 237 -7.77 -18.65 5.42
C GLU A 237 -6.72 -17.64 4.94
N LEU A 238 -7.08 -16.36 4.95
CA LEU A 238 -6.12 -15.27 4.73
C LEU A 238 -6.75 -13.95 5.16
N ILE A 239 -5.93 -12.92 5.24
CA ILE A 239 -6.43 -11.56 5.50
C ILE A 239 -5.90 -10.59 4.47
N VAL A 240 -6.75 -9.66 4.02
CA VAL A 240 -6.31 -8.57 3.14
C VAL A 240 -6.55 -7.24 3.82
N ALA A 241 -5.51 -6.42 3.93
CA ALA A 241 -5.62 -5.02 4.32
C ALA A 241 -5.45 -4.22 3.05
N SER A 242 -6.53 -3.68 2.52
CA SER A 242 -6.45 -2.94 1.26
C SER A 242 -6.75 -1.46 1.45
N SER A 243 -6.42 -0.66 0.46
CA SER A 243 -6.52 0.80 0.61
C SER A 243 -7.05 1.43 -0.64
N TYR A 244 -7.86 2.48 -0.47
CA TYR A 244 -8.26 3.31 -1.60
C TYR A 244 -7.60 4.69 -1.59
N SER A 245 -6.62 4.88 -0.71
CA SER A 245 -5.88 6.15 -0.62
C SER A 245 -5.27 6.59 -1.94
N1 LLP A 246 0.79 -0.20 3.10
C2 LLP A 246 1.63 0.34 2.16
C2' LLP A 246 2.90 -0.40 1.85
C3 LLP A 246 1.33 1.56 1.52
O3 LLP A 246 2.12 2.03 0.68
C4 LLP A 246 0.11 2.21 1.84
C4' LLP A 246 -0.27 3.52 1.22
C5 LLP A 246 -0.73 1.62 2.82
C6 LLP A 246 -0.40 0.41 3.43
C5' LLP A 246 -2.04 2.19 3.22
OP4 LLP A 246 -2.13 3.59 3.54
P LLP A 246 -3.55 4.14 4.02
OP1 LLP A 246 -4.59 3.41 3.30
OP2 LLP A 246 -3.57 3.93 5.50
OP3 LLP A 246 -3.43 5.57 3.61
N LLP A 246 -4.62 5.64 -2.62
CA LLP A 246 -3.82 5.97 -3.78
CB LLP A 246 -2.55 5.10 -3.84
CG LLP A 246 -1.49 5.49 -2.81
CD LLP A 246 -1.45 4.50 -1.64
CE LLP A 246 -0.37 4.92 -0.61
NZ LLP A 246 0.29 3.73 0.03
C LLP A 246 -4.65 5.85 -5.06
O LLP A 246 -4.68 6.78 -5.90
N ASN A 247 -5.36 4.74 -5.19
CA ASN A 247 -6.15 4.54 -6.42
C ASN A 247 -7.39 5.42 -6.55
N PHE A 248 -7.84 6.02 -5.45
CA PHE A 248 -8.87 7.07 -5.52
C PHE A 248 -8.39 8.48 -5.17
N GLY A 249 -7.12 8.63 -4.79
CA GLY A 249 -6.60 9.93 -4.38
C GLY A 249 -7.31 10.44 -3.14
N LEU A 250 -7.66 9.51 -2.25
CA LEU A 250 -8.52 9.79 -1.08
C LEU A 250 -7.75 9.71 0.24
N TYR A 251 -6.44 9.92 0.16
CA TYR A 251 -5.52 9.77 1.29
C TYR A 251 -6.11 10.22 2.62
N ASN A 252 -6.51 11.49 2.73
CA ASN A 252 -6.88 12.03 4.03
C ASN A 252 -8.27 11.67 4.56
N GLU A 253 -9.06 10.98 3.75
CA GLU A 253 -10.40 10.53 4.15
C GLU A 253 -10.40 9.16 4.82
N ARG A 254 -9.24 8.48 4.75
CA ARG A 254 -8.95 7.20 5.43
C ARG A 254 -9.91 6.10 5.02
N VAL A 255 -9.69 5.60 3.81
CA VAL A 255 -10.61 4.65 3.18
C VAL A 255 -9.85 3.39 2.86
N GLY A 256 -10.13 2.33 3.61
CA GLY A 256 -9.52 1.03 3.35
C GLY A 256 -10.39 -0.08 3.87
N ALA A 257 -9.87 -1.28 3.91
CA ALA A 257 -10.70 -2.40 4.28
C ALA A 257 -9.85 -3.51 4.85
N CYS A 258 -10.39 -4.19 5.86
CA CYS A 258 -9.80 -5.42 6.36
C CYS A 258 -10.73 -6.53 5.95
N THR A 259 -10.24 -7.44 5.10
CA THR A 259 -11.06 -8.55 4.64
C THR A 259 -10.55 -9.87 5.20
N LEU A 260 -11.45 -10.59 5.86
CA LEU A 260 -11.14 -11.83 6.54
C LEU A 260 -11.72 -12.99 5.75
N VAL A 261 -10.90 -14.01 5.49
CA VAL A 261 -11.36 -15.17 4.73
C VAL A 261 -11.13 -16.40 5.59
N ALA A 262 -12.16 -17.24 5.67
CA ALA A 262 -12.03 -18.53 6.32
C ALA A 262 -12.58 -19.67 5.45
N ALA A 263 -12.52 -20.89 5.98
CA ALA A 263 -12.84 -22.09 5.21
C ALA A 263 -14.29 -22.10 4.74
N ASP A 264 -15.18 -21.60 5.59
CA ASP A 264 -16.60 -21.57 5.28
C ASP A 264 -17.29 -20.40 5.94
N SER A 265 -18.57 -20.20 5.58
CA SER A 265 -19.38 -19.11 6.08
C SER A 265 -19.51 -19.12 7.61
N GLU A 266 -19.66 -20.31 8.20
CA GLU A 266 -19.86 -20.42 9.66
C GLU A 266 -18.62 -19.93 10.39
N THR A 267 -17.46 -20.36 9.92
CA THR A 267 -16.18 -19.99 10.54
C THR A 267 -15.89 -18.50 10.35
N VAL A 268 -16.07 -17.99 9.14
CA VAL A 268 -15.74 -16.58 8.92
C VAL A 268 -16.64 -15.66 9.72
N ASP A 269 -17.93 -16.02 9.84
CA ASP A 269 -18.85 -15.17 10.60
C ASP A 269 -18.47 -15.12 12.08
N ARG A 270 -18.10 -16.28 12.61
CA ARG A 270 -17.71 -16.41 14.01
C ARG A 270 -16.41 -15.64 14.26
N ALA A 271 -15.42 -15.85 13.40
CA ALA A 271 -14.16 -15.12 13.51
C ALA A 271 -14.37 -13.61 13.34
N PHE A 272 -15.21 -13.23 12.37
CA PHE A 272 -15.43 -11.81 12.05
C PHE A 272 -16.11 -11.09 13.22
N SER A 273 -16.89 -11.81 14.02
CA SER A 273 -17.50 -11.19 15.21
C SER A 273 -16.43 -10.68 16.18
N GLN A 274 -15.31 -11.40 16.28
CA GLN A 274 -14.18 -10.95 17.09
C GLN A 274 -13.36 -9.85 16.41
N MET A 275 -13.32 -9.85 15.08
CA MET A 275 -12.70 -8.73 14.37
C MET A 275 -13.50 -7.44 14.65
N LYS A 276 -14.84 -7.55 14.64
CA LYS A 276 -15.69 -6.40 14.99
C LYS A 276 -15.48 -5.94 16.43
N ALA A 277 -15.30 -6.88 17.34
CA ALA A 277 -14.98 -6.55 18.73
C ALA A 277 -13.66 -5.77 18.81
N ALA A 278 -12.67 -6.15 18.02
CA ALA A 278 -11.39 -5.44 18.01
C ALA A 278 -11.58 -4.00 17.49
N ILE A 279 -12.53 -3.81 16.59
CA ILE A 279 -12.86 -2.45 16.12
C ILE A 279 -13.61 -1.65 17.18
N ARG A 280 -14.58 -2.29 17.81
CA ARG A 280 -15.37 -1.66 18.87
C ARG A 280 -14.44 -1.10 19.94
N ASP A 281 -13.36 -1.81 20.22
CA ASP A 281 -12.41 -1.44 21.28
C ASP A 281 -11.38 -0.41 20.80
N ASN A 282 -11.48 -0.02 19.53
CA ASN A 282 -10.56 0.91 18.93
C ASN A 282 -11.31 2.21 18.61
N TYR A 283 -11.83 2.36 17.39
CA TYR A 283 -12.49 3.61 16.95
C TYR A 283 -14.02 3.44 16.78
N SER A 284 -14.54 2.25 17.15
CA SER A 284 -15.99 1.95 17.19
C SER A 284 -16.65 1.71 15.83
N SER A 285 -16.53 2.67 14.91
CA SER A 285 -17.10 2.53 13.57
C SER A 285 -16.36 3.48 12.62
N PRO A 286 -16.29 3.13 11.33
CA PRO A 286 -15.41 3.82 10.41
C PRO A 286 -16.02 5.11 9.82
N PRO A 287 -15.18 6.01 9.30
CA PRO A 287 -15.65 7.29 8.77
C PRO A 287 -16.37 7.13 7.43
N ALA A 288 -17.54 7.74 7.33
CA ALA A 288 -18.43 7.48 6.19
C ALA A 288 -18.02 8.11 4.87
N HIS A 289 -17.56 9.36 4.92
CA HIS A 289 -17.48 10.16 3.69
C HIS A 289 -16.63 9.51 2.60
N GLY A 290 -15.37 9.18 2.92
CA GLY A 290 -14.48 8.59 1.92
C GLY A 290 -14.95 7.27 1.33
N ALA A 291 -15.40 6.39 2.22
CA ALA A 291 -15.95 5.10 1.80
C ALA A 291 -17.24 5.25 1.01
N SER A 292 -18.09 6.20 1.38
CA SER A 292 -19.30 6.47 0.59
C SER A 292 -18.96 6.90 -0.84
N VAL A 293 -17.93 7.73 -0.96
CA VAL A 293 -17.42 8.14 -2.29
C VAL A 293 -17.00 6.92 -3.11
N VAL A 294 -16.18 6.06 -2.52
CA VAL A 294 -15.74 4.83 -3.20
C VAL A 294 -16.93 3.95 -3.64
N ALA A 295 -17.84 3.66 -2.70
CA ALA A 295 -19.03 2.86 -3.02
C ALA A 295 -19.89 3.50 -4.13
N THR A 296 -20.09 4.81 -4.04
CA THR A 296 -20.84 5.55 -5.05
C THR A 296 -20.22 5.40 -6.44
N ILE A 297 -18.88 5.55 -6.51
CA ILE A 297 -18.18 5.43 -7.80
C ILE A 297 -18.21 4.00 -8.30
N LEU A 298 -17.87 3.05 -7.43
CA LEU A 298 -17.78 1.65 -7.86
C LEU A 298 -19.15 1.04 -8.25
N SER A 299 -20.22 1.57 -7.67
CA SER A 299 -21.55 1.04 -7.95
C SER A 299 -22.33 1.77 -9.06
N ASN A 300 -21.72 2.78 -9.67
CA ASN A 300 -22.34 3.54 -10.78
C ASN A 300 -21.51 3.36 -12.04
N ASP A 301 -22.09 2.80 -13.10
CA ASP A 301 -21.34 2.50 -14.32
C ASP A 301 -20.60 3.71 -14.88
N ALA A 302 -21.28 4.85 -14.94
CA ALA A 302 -20.70 6.07 -15.53
C ALA A 302 -19.53 6.61 -14.69
N LEU A 303 -19.72 6.74 -13.39
CA LEU A 303 -18.65 7.21 -12.51
C LEU A 303 -17.47 6.24 -12.54
N ARG A 304 -17.78 4.95 -12.51
CA ARG A 304 -16.72 3.93 -12.51
C ARG A 304 -15.82 4.04 -13.74
N ALA A 305 -16.45 4.29 -14.89
CA ALA A 305 -15.72 4.46 -16.14
C ALA A 305 -14.77 5.64 -16.10
N ILE A 306 -15.27 6.78 -15.60
CA ILE A 306 -14.47 8.00 -15.46
C ILE A 306 -13.31 7.73 -14.51
N TRP A 307 -13.64 7.14 -13.37
CA TRP A 307 -12.64 6.83 -12.34
C TRP A 307 -11.55 5.89 -12.87
N GLU A 308 -11.95 4.79 -13.52
CA GLU A 308 -10.94 3.85 -14.02
C GLU A 308 -10.00 4.49 -15.06
N GLN A 309 -10.54 5.39 -15.87
CA GLN A 309 -9.69 6.15 -16.78
C GLN A 309 -8.73 7.08 -16.04
N GLU A 310 -9.21 7.74 -14.99
CA GLU A 310 -8.34 8.58 -14.16
C GLU A 310 -7.17 7.78 -13.56
N LEU A 311 -7.47 6.54 -13.16
CA LEU A 311 -6.47 5.66 -12.56
C LEU A 311 -5.46 5.25 -13.61
N THR A 312 -5.95 4.88 -14.79
CA THR A 312 -5.06 4.63 -15.92
C THR A 312 -4.17 5.83 -16.23
N ASP A 313 -4.75 7.03 -16.24
CA ASP A 313 -3.99 8.24 -16.55
C ASP A 313 -2.87 8.44 -15.52
N MET A 314 -3.17 8.20 -14.25
CA MET A 314 -2.14 8.32 -13.21
C MET A 314 -0.99 7.33 -13.46
N ARG A 315 -1.34 6.07 -13.68
CA ARG A 315 -0.34 5.03 -13.92
C ARG A 315 0.53 5.40 -15.14
N GLN A 316 -0.12 5.78 -16.23
CA GLN A 316 0.60 6.20 -17.43
C GLN A 316 1.51 7.43 -17.23
N ARG A 317 1.06 8.42 -16.46
CA ARG A 317 1.94 9.58 -16.21
C ARG A 317 3.17 9.16 -15.41
N ILE A 318 3.00 8.32 -14.39
CA ILE A 318 4.15 7.82 -13.65
C ILE A 318 5.12 7.08 -14.57
N GLN A 319 4.59 6.29 -15.50
CA GLN A 319 5.44 5.53 -16.43
C GLN A 319 6.25 6.47 -17.35
N ARG A 320 5.61 7.55 -17.78
CA ARG A 320 6.33 8.60 -18.52
C ARG A 320 7.43 9.27 -17.70
N MET A 321 7.13 9.58 -16.44
CA MET A 321 8.14 10.18 -15.57
C MET A 321 9.31 9.22 -15.30
N ARG A 322 9.01 7.93 -15.18
CA ARG A 322 10.02 6.91 -14.97
C ARG A 322 11.05 6.94 -16.09
N GLN A 323 10.58 6.92 -17.33
CA GLN A 323 11.45 6.97 -18.49
C GLN A 323 12.23 8.28 -18.60
N LEU A 324 11.55 9.39 -18.38
CA LEU A 324 12.17 10.72 -18.44
C LEU A 324 13.24 10.88 -17.35
N PHE A 325 12.97 10.32 -16.18
CA PHE A 325 13.91 10.31 -15.06
C PHE A 325 15.21 9.63 -15.48
N VAL A 326 15.09 8.41 -15.98
CA VAL A 326 16.23 7.63 -16.46
C VAL A 326 16.99 8.34 -17.59
N ASN A 327 16.25 8.90 -18.53
CA ASN A 327 16.84 9.63 -19.64
C ASN A 327 17.58 10.89 -19.19
N THR A 328 16.99 11.61 -18.25
CA THR A 328 17.55 12.88 -17.80
C THR A 328 18.80 12.68 -16.93
N LEU A 329 18.78 11.68 -16.05
CA LEU A 329 19.97 11.27 -15.31
C LEU A 329 21.16 10.98 -16.23
N GLN A 330 20.91 10.23 -17.31
CA GLN A 330 21.97 9.88 -18.25
C GLN A 330 22.50 11.11 -18.99
N GLU A 331 21.61 12.01 -19.37
CA GLU A 331 22.02 13.23 -20.07
C GLU A 331 22.64 14.28 -19.15
N LYS A 332 22.35 14.19 -17.85
CA LYS A 332 22.97 15.04 -16.84
C LYS A 332 24.32 14.49 -16.39
N GLY A 333 24.69 13.34 -16.93
CA GLY A 333 25.99 12.73 -16.66
C GLY A 333 26.10 11.84 -15.43
N ALA A 334 25.02 11.14 -15.07
CA ALA A 334 25.04 10.21 -13.93
C ALA A 334 26.15 9.15 -14.09
N ASN A 335 26.80 8.82 -12.97
CA ASN A 335 27.90 7.86 -12.99
C ASN A 335 27.44 6.40 -12.77
N ARG A 336 26.13 6.19 -12.79
CA ARG A 336 25.52 4.86 -12.74
C ARG A 336 24.48 4.75 -13.85
N ASP A 337 24.35 3.55 -14.42
CA ASP A 337 23.21 3.24 -15.27
C ASP A 337 21.97 2.96 -14.41
N PHE A 338 20.89 3.70 -14.68
CA PHE A 338 19.66 3.61 -13.88
C PHE A 338 18.51 2.92 -14.63
N SER A 339 18.82 2.23 -15.71
CA SER A 339 17.79 1.55 -16.51
C SER A 339 16.95 0.53 -15.71
N PHE A 340 17.52 -0.01 -14.63
CA PHE A 340 16.77 -0.92 -13.75
C PHE A 340 15.49 -0.30 -13.17
N ILE A 341 15.44 1.04 -13.12
CA ILE A 341 14.28 1.75 -12.59
C ILE A 341 13.02 1.56 -13.45
N ILE A 342 13.20 1.37 -14.76
CA ILE A 342 12.07 1.11 -15.67
C ILE A 342 11.28 -0.16 -15.30
N LYS A 343 11.98 -1.16 -14.75
CA LYS A 343 11.37 -2.45 -14.40
C LYS A 343 10.47 -2.36 -13.16
N GLN A 344 10.62 -1.29 -12.39
CA GLN A 344 9.92 -1.18 -11.10
C GLN A 344 8.48 -0.74 -11.24
N ASN A 345 7.60 -1.32 -10.42
CA ASN A 345 6.15 -1.09 -10.48
C ASN A 345 5.73 -0.09 -9.43
N GLY A 346 4.84 0.84 -9.81
CA GLY A 346 4.19 1.69 -8.83
C GLY A 346 4.70 3.12 -8.86
N MET A 347 4.67 3.77 -7.69
CA MET A 347 4.96 5.22 -7.64
C MET A 347 6.43 5.53 -7.43
N PHE A 348 7.20 4.53 -7.02
CA PHE A 348 8.52 4.79 -6.48
C PHE A 348 9.62 4.26 -7.38
N SER A 349 10.80 4.81 -7.16
CA SER A 349 11.99 4.18 -7.66
C SER A 349 12.91 3.93 -6.46
N PHE A 350 13.34 2.69 -6.32
CA PHE A 350 14.25 2.31 -5.25
C PHE A 350 15.65 2.43 -5.84
N SER A 351 16.23 3.61 -5.63
CA SER A 351 17.27 4.19 -6.48
C SER A 351 18.70 3.76 -6.18
N GLY A 352 18.93 3.21 -4.98
CA GLY A 352 20.29 2.84 -4.58
C GLY A 352 21.06 4.01 -3.96
N LEU A 353 20.41 5.17 -3.85
CA LEU A 353 21.00 6.29 -3.12
C LEU A 353 21.24 5.89 -1.67
N THR A 354 22.39 6.27 -1.12
CA THR A 354 22.69 5.96 0.27
C THR A 354 21.93 6.91 1.20
N LYS A 355 21.93 6.57 2.48
CA LYS A 355 21.28 7.45 3.45
C LYS A 355 21.93 8.85 3.45
N GLU A 356 23.25 8.91 3.24
CA GLU A 356 23.95 10.20 3.27
C GLU A 356 23.69 11.01 2.01
N GLN A 357 23.60 10.34 0.87
CA GLN A 357 23.18 11.01 -0.37
C GLN A 357 21.78 11.61 -0.24
N VAL A 358 20.87 10.87 0.38
CA VAL A 358 19.53 11.41 0.64
C VAL A 358 19.55 12.64 1.57
N LEU A 359 20.35 12.57 2.62
CA LEU A 359 20.47 13.71 3.52
C LEU A 359 21.04 14.93 2.81
N ARG A 360 22.10 14.71 2.02
CA ARG A 360 22.72 15.81 1.28
C ARG A 360 21.74 16.39 0.25
N LEU A 361 21.00 15.53 -0.44
CA LEU A 361 19.97 15.99 -1.38
C LEU A 361 19.02 16.98 -0.71
N ARG A 362 18.61 16.68 0.53
CA ARG A 362 17.69 17.56 1.26
C ARG A 362 18.37 18.85 1.72
N GLU A 363 19.53 18.71 2.37
CA GLU A 363 20.24 19.84 2.95
C GLU A 363 20.73 20.81 1.89
N GLU A 364 21.42 20.28 0.88
CA GLU A 364 22.04 21.15 -0.12
C GLU A 364 21.08 21.56 -1.23
N PHE A 365 20.18 20.64 -1.62
CA PHE A 365 19.38 20.86 -2.82
C PHE A 365 17.89 21.03 -2.60
N GLY A 366 17.41 20.78 -1.39
CA GLY A 366 15.98 20.89 -1.10
C GLY A 366 15.18 19.80 -1.82
N VAL A 367 15.83 18.68 -2.12
CA VAL A 367 15.18 17.55 -2.75
C VAL A 367 14.98 16.49 -1.66
N TYR A 368 13.70 16.13 -1.45
CA TYR A 368 13.31 15.29 -0.30
C TYR A 368 12.98 13.87 -0.74
N ALA A 369 13.78 12.90 -0.31
CA ALA A 369 13.48 11.49 -0.52
C ALA A 369 13.53 10.75 0.82
N VAL A 370 13.20 9.47 0.81
CA VAL A 370 13.30 8.65 2.03
C VAL A 370 14.73 8.11 2.18
N ALA A 371 15.20 8.00 3.43
CA ALA A 371 16.60 7.64 3.73
C ALA A 371 17.01 6.27 3.14
N SER A 372 16.03 5.40 2.94
CA SER A 372 16.21 4.10 2.27
C SER A 372 16.66 4.22 0.82
N GLY A 373 16.59 5.42 0.28
CA GLY A 373 16.85 5.66 -1.15
C GLY A 373 15.59 5.65 -2.00
N ARG A 374 14.43 5.46 -1.36
CA ARG A 374 13.17 5.44 -2.08
C ARG A 374 12.78 6.85 -2.53
N VAL A 375 12.55 7.00 -3.82
CA VAL A 375 12.12 8.29 -4.38
C VAL A 375 10.74 8.17 -5.04
N ASN A 376 9.89 9.17 -4.79
CA ASN A 376 8.55 9.16 -5.36
C ASN A 376 8.58 9.71 -6.81
N VAL A 377 8.58 8.79 -7.77
CA VAL A 377 8.51 9.16 -9.20
C VAL A 377 7.20 9.89 -9.51
N ALA A 378 6.14 9.55 -8.80
CA ALA A 378 4.84 10.24 -9.02
C ALA A 378 4.89 11.70 -8.56
N GLY A 379 5.96 12.09 -7.88
CA GLY A 379 6.21 13.49 -7.54
C GLY A 379 7.05 14.26 -8.55
N MET A 380 7.54 13.57 -9.59
CA MET A 380 8.32 14.22 -10.66
C MET A 380 7.43 14.80 -11.75
N THR A 381 7.89 15.91 -12.34
CA THR A 381 7.20 16.56 -13.45
C THR A 381 8.21 17.00 -14.50
N PRO A 382 7.76 17.26 -15.72
CA PRO A 382 8.62 17.87 -16.73
C PRO A 382 9.37 19.08 -16.19
N ASP A 383 8.69 19.90 -15.37
CA ASP A 383 9.25 21.14 -14.86
C ASP A 383 10.28 20.98 -13.75
N ASN A 384 10.14 19.97 -12.90
CA ASN A 384 11.11 19.76 -11.81
C ASN A 384 12.17 18.69 -12.10
N MET A 385 12.05 18.01 -13.25
CA MET A 385 12.96 16.91 -13.58
C MET A 385 14.42 17.35 -13.71
N ALA A 386 14.68 18.41 -14.46
CA ALA A 386 16.05 18.88 -14.63
C ALA A 386 16.74 19.18 -13.27
N PRO A 387 16.15 20.05 -12.44
CA PRO A 387 16.74 20.36 -11.12
C PRO A 387 16.96 19.12 -10.26
N LEU A 388 15.99 18.21 -10.22
CA LEU A 388 16.13 17.05 -9.34
C LEU A 388 17.24 16.12 -9.83
N CYS A 389 17.35 15.96 -11.15
CA CYS A 389 18.42 15.13 -11.72
C CYS A 389 19.79 15.78 -11.60
N GLU A 390 19.86 17.10 -11.73
CA GLU A 390 21.12 17.79 -11.51
C GLU A 390 21.59 17.55 -10.07
N ALA A 391 20.64 17.56 -9.13
CA ALA A 391 20.92 17.34 -7.72
C ALA A 391 21.44 15.93 -7.46
N ILE A 392 20.77 14.94 -8.04
CA ILE A 392 21.19 13.55 -7.88
C ILE A 392 22.58 13.34 -8.46
N VAL A 393 22.81 13.79 -9.68
CA VAL A 393 24.14 13.70 -10.28
C VAL A 393 25.25 14.30 -9.39
N ALA A 394 24.97 15.46 -8.79
CA ALA A 394 25.88 16.16 -7.88
C ALA A 394 26.27 15.37 -6.63
N VAL A 395 25.39 14.48 -6.15
CA VAL A 395 25.67 13.75 -4.91
C VAL A 395 26.26 12.35 -5.15
N LEU A 396 26.20 11.88 -6.39
CA LEU A 396 26.72 10.54 -6.71
C LEU A 396 28.25 10.48 -6.59
C1 HCI B . 4.37 5.78 1.62
O1 HCI B . 4.92 6.87 1.48
O2 HCI B . 5.07 4.71 1.94
C2 HCI B . 2.87 5.61 1.40
C3 HCI B . 2.06 6.68 2.13
C1' HCI B . 1.95 6.30 3.59
C2' HCI B . 0.74 5.80 4.07
C3' HCI B . 0.59 5.44 5.42
C4' HCI B . 1.68 5.55 6.27
C5' HCI B . 2.91 6.04 5.81
C6' HCI B . 3.05 6.41 4.46
#